data_5EEC
#
_entry.id   5EEC
#
_cell.length_a   51.853
_cell.length_b   77.883
_cell.length_c   64.773
_cell.angle_alpha   90.000
_cell.angle_beta   108.670
_cell.angle_gamma   90.000
#
_symmetry.space_group_name_H-M   'P 1 21 1'
#
loop_
_entity.id
_entity.type
_entity.pdbx_description
1 polymer 'Carbapenem-hydrolyzing beta-lactamase KPC'
2 non-polymer '1-{(2R)-2-(dihydroxyboranyl)-2-[(thiophen-2-ylacetyl)amino]ethyl}-1H-1,2,3-triazole-4-carboxylic acid'
3 non-polymer 'SULFATE ION'
4 water water
#
_entity_poly.entity_id   1
_entity_poly.type   'polypeptide(L)'
_entity_poly.pdbx_seq_one_letter_code
;LTNLVAEPFAKLEQDFGGSIGVYAMDTGSGATVSYRAEERFPLCSSFKGFLAAAVLARSQQQAGLLDTPIRYGKNALVPW
SPISEKYLTTGMTVAELSAAAVQYSDNAAANLLLKELGGPAGLTAFMRSIGDTTFRLDRWELELNSAIPGDARDTSSPRA
VTESLQKLTLGSALAAPQRQQFVDWLKGNTTGNHRIRAAVPADWAVGDKTGTCGVYGTANDYAVVWPTGRAPIVLAVYTR
APNKDDKHSEAVIAAAARLALEGLGVNGQ
;
_entity_poly.pdbx_strand_id   A,B
#
loop_
_chem_comp.id
_chem_comp.type
_chem_comp.name
_chem_comp.formula
SO4 non-polymer 'SULFATE ION' 'O4 S -2'
ZXM non-polymer '1-{(2R)-2-(dihydroxyboranyl)-2-[(thiophen-2-ylacetyl)amino]ethyl}-1H-1,2,3-triazole-4-carboxylic acid' 'C11 H13 B N4 O5 S'
#
# COMPACT_ATOMS: atom_id res chain seq x y z
N LEU A 1 21.08 -1.16 18.49
N LEU A 1 21.26 -0.42 17.00
CA LEU A 1 21.13 0.35 18.45
CA LEU A 1 21.17 0.77 17.92
C LEU A 1 19.75 1.06 18.35
C LEU A 1 19.74 1.12 18.30
N THR A 2 18.79 0.48 17.62
CA THR A 2 17.44 1.05 17.48
C THR A 2 16.65 1.08 18.80
N ASN A 3 17.12 0.35 19.82
CA ASN A 3 16.47 0.30 21.14
C ASN A 3 17.22 1.06 22.25
N LEU A 4 18.22 1.83 21.86
CA LEU A 4 19.00 2.67 22.78
C LEU A 4 18.63 4.15 22.65
N VAL A 5 17.48 4.44 22.03
CA VAL A 5 17.08 5.83 21.92
C VAL A 5 16.03 6.21 22.97
N ALA A 6 15.47 5.22 23.67
CA ALA A 6 14.39 5.51 24.61
C ALA A 6 14.78 6.51 25.68
N GLU A 7 15.95 6.33 26.29
CA GLU A 7 16.32 7.22 27.37
C GLU A 7 16.68 8.61 26.89
N PRO A 8 17.39 8.74 25.76
CA PRO A 8 17.55 10.04 25.14
C PRO A 8 16.22 10.75 24.76
N PHE A 9 15.23 10.02 24.29
CA PHE A 9 13.94 10.65 24.02
C PHE A 9 13.23 11.10 25.30
N ALA A 10 13.25 10.24 26.31
CA ALA A 10 12.68 10.58 27.61
C ALA A 10 13.27 11.88 28.15
N LYS A 11 14.59 12.04 28.04
CA LYS A 11 15.22 13.27 28.51
C LYS A 11 14.77 14.50 27.73
N LEU A 12 14.65 14.33 26.42
CA LEU A 12 14.17 15.39 25.55
C LEU A 12 12.75 15.76 25.90
N GLU A 13 11.89 14.77 26.18
CA GLU A 13 10.53 15.04 26.60
C GLU A 13 10.52 15.86 27.86
N GLN A 14 11.39 15.48 28.78
CA GLN A 14 11.38 16.10 30.09
C GLN A 14 11.83 17.56 29.97
N ASP A 15 12.86 17.82 29.18
CA ASP A 15 13.27 19.18 28.87
C ASP A 15 12.13 19.96 28.23
N PHE A 16 11.39 19.31 27.33
CA PHE A 16 10.34 19.95 26.55
C PHE A 16 9.09 20.26 27.37
N GLY A 17 8.80 19.42 28.36
CA GLY A 17 7.60 19.58 29.17
C GLY A 17 6.39 18.99 28.49
N GLY A 18 6.61 17.95 27.69
CA GLY A 18 5.48 17.25 27.03
C GLY A 18 5.90 15.91 26.45
N SER A 19 5.19 15.50 25.40
CA SER A 19 5.36 14.17 24.81
C SER A 19 5.83 14.29 23.36
N ILE A 20 6.77 13.42 22.99
CA ILE A 20 7.32 13.34 21.67
C ILE A 20 7.04 11.94 21.07
N GLY A 21 6.64 11.92 19.80
CA GLY A 21 6.29 10.71 19.11
C GLY A 21 7.12 10.60 17.86
N VAL A 22 7.85 9.49 17.72
CA VAL A 22 8.80 9.32 16.62
C VAL A 22 8.66 7.92 16.00
N TYR A 23 8.76 7.88 14.68
CA TYR A 23 8.91 6.66 13.93
C TYR A 23 9.79 6.97 12.74
N ALA A 24 10.85 6.21 12.59
CA ALA A 24 11.79 6.40 11.49
C ALA A 24 12.10 5.06 10.89
N MET A 25 12.08 5.01 9.57
CA MET A 25 12.30 3.77 8.86
C MET A 25 13.31 3.91 7.76
N ASP A 26 14.37 3.11 7.81
CA ASP A 26 15.36 3.01 6.74
C ASP A 26 14.82 2.07 5.68
N THR A 27 14.53 2.57 4.50
CA THR A 27 13.99 1.70 3.45
C THR A 27 15.06 0.75 2.87
N GLY A 28 16.33 0.90 3.22
CA GLY A 28 17.36 -0.08 2.81
C GLY A 28 17.20 -1.35 3.65
N SER A 29 17.32 -1.20 4.96
CA SER A 29 17.13 -2.28 5.92
C SER A 29 15.68 -2.77 6.02
N GLY A 30 14.77 -1.84 6.24
CA GLY A 30 13.48 -2.13 6.89
C GLY A 30 13.51 -1.79 8.39
N ALA A 31 14.72 -1.52 8.89
CA ALA A 31 14.97 -1.15 10.28
C ALA A 31 14.20 0.11 10.72
N THR A 32 13.77 0.13 11.98
CA THR A 32 12.99 1.23 12.48
C THR A 32 13.42 1.67 13.87
N VAL A 33 13.23 2.96 14.10
CA VAL A 33 13.30 3.54 15.40
C VAL A 33 11.90 4.01 15.72
N SER A 34 11.30 3.53 17.10
N SER A 34 11.32 3.81 17.13
CA SER A 34 10.02 3.94 17.58
CA SER A 34 9.97 3.96 17.53
C SER A 34 10.19 4.58 18.94
C SER A 34 9.99 4.41 18.97
N TYR A 35 9.32 5.53 19.22
CA TYR A 35 9.15 6.08 20.54
C TYR A 35 7.80 6.77 20.53
N ARG A 36 6.84 6.21 21.29
CA ARG A 36 5.42 6.60 21.23
C ARG A 36 4.91 6.56 19.78
N ALA A 37 5.46 5.64 19.00
CA ALA A 37 5.16 5.53 17.60
C ALA A 37 3.75 5.06 17.35
N GLU A 38 3.13 4.48 18.39
CA GLU A 38 1.76 3.96 18.30
C GLU A 38 0.71 4.82 18.94
N GLU A 39 1.14 5.90 19.58
CA GLU A 39 0.22 6.79 20.28
C GLU A 39 -0.34 7.79 19.27
N ARG A 40 -1.56 8.23 19.52
CA ARG A 40 -2.17 9.29 18.70
C ARG A 40 -1.65 10.68 19.00
N PHE A 41 -1.37 11.42 17.94
CA PHE A 41 -1.04 12.83 18.08
C PHE A 41 -1.92 13.60 17.11
N PRO A 42 -2.29 14.84 17.45
CA PRO A 42 -2.99 15.62 16.42
C PRO A 42 -2.17 15.89 15.13
N LEU A 43 -2.82 15.75 13.98
CA LEU A 43 -2.19 16.07 12.69
C LEU A 43 -1.81 17.53 12.51
N CYS A 44 -2.65 18.40 13.07
CA CYS A 44 -2.62 19.82 12.77
C CYS A 44 -2.52 19.90 11.27
N SER A 45 -1.69 20.80 10.73
CA SER A 45 -1.67 21.03 9.27
C SER A 45 -0.98 19.93 8.45
N SER A 46 -0.35 18.98 9.12
CA SER A 46 0.33 17.90 8.41
C SER A 46 -0.64 17.03 7.59
N PHE A 47 -1.94 17.08 7.87
CA PHE A 47 -2.92 16.40 7.02
C PHE A 47 -2.88 16.91 5.58
N LYS A 48 -2.41 18.15 5.36
CA LYS A 48 -2.44 18.74 4.02
C LYS A 48 -1.55 18.02 3.02
N GLY A 49 -0.49 17.35 3.51
CA GLY A 49 0.35 16.53 2.60
C GLY A 49 -0.48 15.38 2.00
N PHE A 50 -1.17 14.67 2.87
CA PHE A 50 -2.00 13.55 2.48
C PHE A 50 -3.21 13.97 1.61
N LEU A 51 -3.74 15.16 1.90
CA LEU A 51 -4.78 15.79 1.08
C LEU A 51 -4.31 15.95 -0.35
N ALA A 52 -3.12 16.51 -0.55
CA ALA A 52 -2.57 16.70 -1.88
C ALA A 52 -2.37 15.36 -2.58
N ALA A 53 -1.94 14.37 -1.83
CA ALA A 53 -1.74 13.06 -2.41
C ALA A 53 -3.08 12.49 -2.89
N ALA A 54 -4.13 12.81 -2.15
CA ALA A 54 -5.51 12.32 -2.45
C ALA A 54 -6.00 12.98 -3.72
N VAL A 55 -5.74 14.27 -3.84
CA VAL A 55 -6.01 15.00 -5.07
C VAL A 55 -5.30 14.36 -6.25
N LEU A 56 -4.03 14.07 -6.07
CA LEU A 56 -3.26 13.46 -7.15
C LEU A 56 -3.88 12.11 -7.51
N ALA A 57 -4.25 11.33 -6.51
CA ALA A 57 -4.88 10.03 -6.77
C ALA A 57 -6.16 10.21 -7.59
N ARG A 58 -6.99 11.21 -7.27
CA ARG A 58 -8.20 11.47 -8.06
C ARG A 58 -7.85 11.82 -9.50
N SER A 59 -6.76 12.59 -9.70
CA SER A 59 -6.35 13.02 -11.01
C SER A 59 -5.95 11.90 -11.98
N GLN A 60 -5.60 10.73 -11.45
CA GLN A 60 -5.33 9.52 -12.25
C GLN A 60 -6.56 8.97 -12.96
N GLN A 61 -7.75 9.28 -12.45
CA GLN A 61 -9.04 8.88 -13.05
C GLN A 61 -9.77 10.03 -13.72
N GLN A 62 -9.32 11.25 -13.46
CA GLN A 62 -10.01 12.43 -13.93
C GLN A 62 -9.06 13.43 -14.59
N ALA A 63 -8.88 13.29 -15.90
CA ALA A 63 -8.06 14.24 -16.63
C ALA A 63 -8.62 15.64 -16.44
N GLY A 64 -7.73 16.60 -16.35
CA GLY A 64 -8.06 18.00 -16.27
C GLY A 64 -8.37 18.47 -14.84
N LEU A 65 -8.34 17.57 -13.86
CA LEU A 65 -8.54 17.99 -12.45
C LEU A 65 -7.56 19.08 -11.99
N LEU A 66 -6.25 18.83 -12.11
CA LEU A 66 -5.27 19.74 -11.52
C LEU A 66 -5.29 21.17 -12.10
N ASP A 67 -5.64 21.28 -13.37
CA ASP A 67 -5.68 22.60 -14.03
C ASP A 67 -7.04 23.27 -13.89
N THR A 68 -7.98 22.62 -13.24
CA THR A 68 -9.28 23.24 -13.04
C THR A 68 -9.18 24.52 -12.22
N PRO A 69 -9.69 25.65 -12.77
CA PRO A 69 -9.65 26.93 -12.02
C PRO A 69 -10.72 27.00 -10.92
N ILE A 70 -10.31 27.42 -9.72
CA ILE A 70 -11.24 27.63 -8.62
C ILE A 70 -11.26 29.14 -8.31
N ARG A 71 -12.33 29.82 -8.72
CA ARG A 71 -12.43 31.25 -8.45
C ARG A 71 -13.16 31.51 -7.15
N TYR A 72 -12.44 31.44 -6.06
CA TYR A 72 -13.01 31.55 -4.73
C TYR A 72 -13.23 33.02 -4.42
N GLY A 73 -14.12 33.28 -3.47
CA GLY A 73 -14.35 34.63 -3.03
C GLY A 73 -13.63 34.89 -1.72
N LYS A 74 -13.78 36.12 -1.22
CA LYS A 74 -13.15 36.46 0.03
C LYS A 74 -13.68 35.60 1.21
N ASN A 75 -14.88 35.05 1.05
CA ASN A 75 -15.48 34.25 2.10
C ASN A 75 -14.76 32.93 2.29
N ALA A 76 -13.91 32.53 1.34
CA ALA A 76 -13.22 31.25 1.44
C ALA A 76 -12.01 31.45 2.36
N LEU A 77 -11.66 32.72 2.59
CA LEU A 77 -10.50 33.05 3.39
C LEU A 77 -10.76 32.85 4.88
N VAL A 78 -9.72 32.32 5.52
CA VAL A 78 -9.60 32.12 6.95
C VAL A 78 -8.11 32.41 7.29
N PRO A 79 -7.79 32.58 8.58
CA PRO A 79 -6.40 32.89 8.96
C PRO A 79 -5.42 31.83 8.47
N TRP A 80 -4.16 32.20 8.43
CA TRP A 80 -3.11 31.33 7.95
C TRP A 80 -3.37 30.88 6.50
N SER A 81 -3.74 31.85 5.65
CA SER A 81 -4.00 31.61 4.24
C SER A 81 -3.19 32.57 3.34
N PRO A 82 -1.85 32.57 3.53
CA PRO A 82 -1.10 33.61 2.85
C PRO A 82 -1.18 33.61 1.32
N ILE A 83 -1.23 32.44 0.70
CA ILE A 83 -1.26 32.36 -0.74
C ILE A 83 -2.66 32.65 -1.27
N SER A 84 -3.67 32.06 -0.64
CA SER A 84 -5.05 32.32 -1.02
C SER A 84 -5.39 33.80 -0.95
N GLU A 85 -4.90 34.48 0.09
CA GLU A 85 -5.04 35.95 0.17
C GLU A 85 -4.40 36.60 -1.05
N LYS A 86 -3.12 36.33 -1.26
CA LYS A 86 -2.35 36.93 -2.34
C LYS A 86 -3.05 36.74 -3.71
N TYR A 87 -3.67 35.60 -3.94
CA TYR A 87 -4.25 35.31 -5.29
C TYR A 87 -5.76 35.49 -5.38
N LEU A 88 -6.32 36.19 -4.40
CA LEU A 88 -7.74 36.37 -4.35
C LEU A 88 -8.31 36.90 -5.66
N THR A 89 -7.59 37.82 -6.28
CA THR A 89 -8.10 38.46 -7.50
C THR A 89 -8.07 37.55 -8.73
N THR A 90 -7.19 36.56 -8.75
CA THR A 90 -7.13 35.69 -9.92
C THR A 90 -7.81 34.34 -9.75
N GLY A 91 -7.96 33.86 -8.51
CA GLY A 91 -8.29 32.47 -8.31
C GLY A 91 -7.06 31.59 -8.45
N MET A 92 -7.23 30.28 -8.20
CA MET A 92 -6.13 29.32 -8.31
C MET A 92 -6.65 28.01 -8.88
N THR A 93 -5.78 27.32 -9.58
CA THR A 93 -6.10 25.96 -10.06
C THR A 93 -6.01 24.98 -8.92
N VAL A 94 -6.65 23.84 -9.07
CA VAL A 94 -6.53 22.78 -8.08
C VAL A 94 -5.06 22.47 -7.73
N ALA A 95 -4.20 22.43 -8.75
CA ALA A 95 -2.76 22.19 -8.52
C ALA A 95 -2.08 23.30 -7.71
N GLU A 96 -2.42 24.54 -8.02
CA GLU A 96 -1.88 25.66 -7.26
C GLU A 96 -2.40 25.64 -5.82
N LEU A 97 -3.68 25.31 -5.63
CA LEU A 97 -4.22 25.17 -4.28
C LEU A 97 -3.48 24.06 -3.51
N SER A 98 -3.23 22.93 -4.17
CA SER A 98 -2.51 21.80 -3.56
C SER A 98 -1.09 22.21 -3.12
N ALA A 99 -0.35 22.89 -4.00
CA ALA A 99 1.01 23.38 -3.70
C ALA A 99 1.02 24.40 -2.58
N ALA A 100 0.07 25.32 -2.58
CA ALA A 100 -0.05 26.24 -1.46
C ALA A 100 -0.33 25.54 -0.10
N ALA A 101 -1.18 24.52 -0.14
CA ALA A 101 -1.52 23.78 1.06
C ALA A 101 -0.27 23.06 1.57
N VAL A 102 0.48 22.45 0.69
CA VAL A 102 1.62 21.64 1.12
C VAL A 102 2.78 22.58 1.49
N GLN A 103 3.05 23.56 0.62
CA GLN A 103 4.29 24.32 0.67
C GLN A 103 4.23 25.58 1.55
N TYR A 104 3.01 26.07 1.77
CA TYR A 104 2.78 27.22 2.65
C TYR A 104 1.81 26.92 3.76
N SER A 105 1.33 25.69 3.82
CA SER A 105 0.36 25.28 4.82
C SER A 105 -0.93 26.12 4.78
N ASP A 106 -1.34 26.49 3.59
CA ASP A 106 -2.47 27.41 3.37
C ASP A 106 -3.79 26.79 3.81
N ASN A 107 -4.47 27.45 4.75
CA ASN A 107 -5.71 26.90 5.30
C ASN A 107 -6.87 26.93 4.35
N ALA A 108 -7.13 28.09 3.76
CA ALA A 108 -8.22 28.26 2.82
C ALA A 108 -8.09 27.26 1.66
N ALA A 109 -6.88 27.13 1.14
CA ALA A 109 -6.61 26.20 0.05
C ALA A 109 -6.93 24.77 0.46
N ALA A 110 -6.54 24.40 1.67
CA ALA A 110 -6.79 23.04 2.13
C ALA A 110 -8.29 22.79 2.24
N ASN A 111 -9.03 23.76 2.79
CA ASN A 111 -10.46 23.55 2.99
C ASN A 111 -11.18 23.46 1.62
N LEU A 112 -10.75 24.26 0.65
CA LEU A 112 -11.30 24.21 -0.72
C LEU A 112 -11.08 22.84 -1.33
N LEU A 113 -9.88 22.29 -1.15
CA LEU A 113 -9.58 20.95 -1.64
C LEU A 113 -10.34 19.86 -0.87
N LEU A 114 -10.44 19.99 0.44
CA LEU A 114 -11.33 19.08 1.17
C LEU A 114 -12.74 19.01 0.60
N LYS A 115 -13.30 20.16 0.29
CA LYS A 115 -14.65 20.25 -0.26
C LYS A 115 -14.74 19.48 -1.57
N GLU A 116 -13.75 19.61 -2.44
CA GLU A 116 -13.72 18.80 -3.69
C GLU A 116 -13.71 17.30 -3.40
N LEU A 117 -13.08 16.90 -2.31
CA LEU A 117 -12.76 15.51 -2.05
C LEU A 117 -13.78 14.75 -1.18
N GLY A 118 -14.86 15.39 -0.83
CA GLY A 118 -15.81 14.78 0.07
C GLY A 118 -15.47 14.96 1.53
N GLY A 119 -14.78 16.05 1.85
CA GLY A 119 -14.58 16.41 3.22
C GLY A 119 -13.63 15.50 3.97
N PRO A 120 -13.58 15.69 5.29
CA PRO A 120 -12.70 14.94 6.16
C PRO A 120 -12.91 13.42 6.06
N ALA A 121 -14.16 12.97 5.95
CA ALA A 121 -14.41 11.53 5.72
C ALA A 121 -13.84 11.01 4.40
N GLY A 122 -13.89 11.81 3.35
CA GLY A 122 -13.31 11.47 2.03
C GLY A 122 -11.80 11.30 2.07
N LEU A 123 -11.13 12.18 2.82
CA LEU A 123 -9.70 12.04 2.99
C LEU A 123 -9.40 10.81 3.81
N THR A 124 -10.17 10.59 4.87
CA THR A 124 -10.00 9.43 5.70
C THR A 124 -10.17 8.13 4.90
N ALA A 125 -11.18 8.09 4.02
CA ALA A 125 -11.40 6.95 3.13
C ALA A 125 -10.22 6.71 2.21
N PHE A 126 -9.62 7.78 1.68
CA PHE A 126 -8.45 7.64 0.80
C PHE A 126 -7.29 6.98 1.58
N MET A 127 -7.10 7.40 2.84
CA MET A 127 -6.01 6.85 3.66
C MET A 127 -6.27 5.35 3.97
N ARG A 128 -7.53 5.00 4.22
CA ARG A 128 -7.97 3.59 4.35
C ARG A 128 -7.64 2.83 3.08
N SER A 129 -7.79 3.46 1.92
CA SER A 129 -7.58 2.80 0.62
C SER A 129 -6.13 2.37 0.41
N ILE A 130 -5.20 3.01 1.12
CA ILE A 130 -3.79 2.69 0.97
C ILE A 130 -3.34 1.85 2.18
N GLY A 131 -4.28 1.45 3.02
CA GLY A 131 -3.95 0.54 4.10
C GLY A 131 -3.66 1.21 5.42
N ASP A 132 -3.91 2.51 5.52
CA ASP A 132 -3.76 3.22 6.79
C ASP A 132 -5.07 3.12 7.59
N THR A 133 -5.05 2.30 8.63
CA THR A 133 -6.17 2.09 9.57
C THR A 133 -6.20 2.99 10.81
N THR A 134 -5.20 3.83 10.98
CA THR A 134 -5.07 4.71 12.15
C THR A 134 -5.54 6.14 11.88
N PHE A 135 -5.16 6.64 10.70
CA PHE A 135 -5.48 8.02 10.34
C PHE A 135 -6.99 8.30 10.52
N ARG A 136 -7.31 9.44 11.13
CA ARG A 136 -8.65 10.00 11.00
C ARG A 136 -8.61 11.50 10.93
N LEU A 137 -9.28 12.03 9.92
CA LEU A 137 -9.61 13.44 9.90
C LEU A 137 -11.12 13.54 10.08
N ASP A 138 -11.48 14.40 11.03
CA ASP A 138 -12.86 14.57 11.50
C ASP A 138 -13.45 15.97 11.22
N ARG A 139 -12.57 16.96 11.21
CA ARG A 139 -12.99 18.35 11.16
C ARG A 139 -12.15 19.10 10.12
N TRP A 140 -12.51 20.37 9.93
CA TRP A 140 -11.93 21.27 8.95
C TRP A 140 -10.94 22.22 9.59
N GLU A 141 -10.21 22.97 8.77
CA GLU A 141 -9.49 24.12 9.30
C GLU A 141 -10.54 25.14 9.73
N LEU A 142 -10.43 25.77 10.90
CA LEU A 142 -9.30 25.71 11.82
C LEU A 142 -9.52 24.81 13.05
N GLU A 143 -10.74 24.33 13.27
CA GLU A 143 -11.06 23.64 14.53
C GLU A 143 -10.33 22.30 14.72
N LEU A 144 -9.90 21.68 13.63
CA LEU A 144 -9.02 20.48 13.70
C LEU A 144 -7.75 20.67 14.49
N ASN A 145 -7.45 21.92 14.83
CA ASN A 145 -6.26 22.28 15.58
C ASN A 145 -6.45 22.31 17.10
N SER A 146 -7.64 21.93 17.57
CA SER A 146 -7.99 22.05 19.02
C SER A 146 -7.04 21.27 19.92
N ALA A 147 -6.62 20.10 19.46
CA ALA A 147 -5.56 19.35 20.14
C ALA A 147 -5.81 19.05 21.62
N ILE A 148 -7.06 18.80 21.96
CA ILE A 148 -7.45 18.56 23.33
C ILE A 148 -6.87 17.22 23.79
N PRO A 149 -6.16 17.21 24.93
CA PRO A 149 -5.55 15.94 25.37
C PRO A 149 -6.57 14.81 25.50
N GLY A 150 -6.24 13.62 24.97
CA GLY A 150 -7.12 12.45 24.98
C GLY A 150 -8.11 12.34 23.83
N ASP A 151 -8.29 13.44 23.08
CA ASP A 151 -9.22 13.50 21.98
C ASP A 151 -8.59 12.89 20.73
N ALA A 152 -9.27 11.89 20.17
CA ALA A 152 -8.75 11.15 19.03
C ALA A 152 -9.09 11.81 17.69
N ARG A 153 -9.96 12.83 17.69
CA ARG A 153 -10.31 13.51 16.46
C ARG A 153 -9.08 14.12 15.77
N ASP A 154 -9.03 14.02 14.45
CA ASP A 154 -7.96 14.65 13.69
C ASP A 154 -6.55 14.26 14.20
N THR A 155 -6.34 12.96 14.37
CA THR A 155 -5.07 12.44 14.83
C THR A 155 -4.62 11.26 13.93
N SER A 156 -3.34 10.93 14.02
CA SER A 156 -2.84 9.61 13.63
C SER A 156 -1.64 9.25 14.51
N SER A 157 -0.95 8.18 14.18
CA SER A 157 0.26 7.76 14.92
C SER A 157 1.47 8.09 14.06
N PRO A 158 2.65 8.32 14.70
CA PRO A 158 3.85 8.47 13.90
C PRO A 158 4.10 7.32 12.94
N ARG A 159 3.83 6.07 13.38
CA ARG A 159 4.04 4.90 12.55
C ARG A 159 3.18 4.96 11.28
N ALA A 160 1.89 5.19 11.44
CA ALA A 160 0.97 5.23 10.34
C ALA A 160 1.27 6.37 9.35
N VAL A 161 1.60 7.55 9.87
CA VAL A 161 2.08 8.66 9.02
C VAL A 161 3.28 8.28 8.13
N THR A 162 4.26 7.64 8.73
CA THR A 162 5.46 7.26 8.03
C THR A 162 5.17 6.18 7.02
N GLU A 163 4.41 5.17 7.44
CA GLU A 163 4.04 4.09 6.53
C GLU A 163 3.25 4.62 5.35
N SER A 164 2.28 5.49 5.62
CA SER A 164 1.53 6.09 4.51
C SER A 164 2.35 6.99 3.59
N LEU A 165 3.23 7.81 4.18
CA LEU A 165 4.18 8.62 3.43
C LEU A 165 5.08 7.75 2.53
N GLN A 166 5.66 6.68 3.07
CA GLN A 166 6.43 5.75 2.25
C GLN A 166 5.65 5.21 1.01
N LYS A 167 4.42 4.75 1.23
CA LYS A 167 3.59 4.16 0.16
C LYS A 167 3.35 5.16 -0.97
N LEU A 168 3.10 6.40 -0.58
CA LEU A 168 2.74 7.46 -1.52
C LEU A 168 3.94 8.03 -2.26
N THR A 169 5.08 8.19 -1.57
CA THR A 169 6.29 8.82 -2.16
C THR A 169 7.24 7.84 -2.85
N LEU A 170 7.29 6.59 -2.36
CA LEU A 170 8.26 5.56 -2.79
C LEU A 170 7.61 4.27 -3.26
N GLY A 171 6.38 4.00 -2.79
CA GLY A 171 5.66 2.77 -3.08
C GLY A 171 4.75 2.92 -4.29
N SER A 172 3.75 2.05 -4.38
CA SER A 172 2.91 1.97 -5.56
C SER A 172 1.53 2.67 -5.47
N ALA A 173 1.28 3.48 -4.44
CA ALA A 173 -0.08 4.03 -4.24
C ALA A 173 -0.47 5.10 -5.27
N LEU A 174 0.52 5.75 -5.89
CA LEU A 174 0.26 6.75 -6.92
C LEU A 174 0.97 6.34 -8.22
N ALA A 175 0.36 6.73 -9.34
CA ALA A 175 0.94 6.58 -10.68
C ALA A 175 2.25 7.34 -10.77
N ALA A 176 3.13 6.94 -11.71
CA ALA A 176 4.45 7.58 -11.81
C ALA A 176 4.46 9.12 -11.81
N PRO A 177 3.70 9.76 -12.72
CA PRO A 177 3.77 11.22 -12.77
C PRO A 177 3.25 11.86 -11.50
N GLN A 178 2.13 11.32 -11.02
CA GLN A 178 1.54 11.80 -9.77
C GLN A 178 2.51 11.63 -8.61
N ARG A 179 3.15 10.47 -8.54
CA ARG A 179 4.14 10.20 -7.48
C ARG A 179 5.24 11.24 -7.47
N GLN A 180 5.79 11.51 -8.64
CA GLN A 180 6.84 12.51 -8.75
C GLN A 180 6.34 13.91 -8.35
N GLN A 181 5.09 14.23 -8.70
CA GLN A 181 4.55 15.54 -8.36
C GLN A 181 4.45 15.67 -6.83
N PHE A 182 4.11 14.57 -6.18
CA PHE A 182 3.94 14.60 -4.74
C PHE A 182 5.27 14.87 -4.07
N VAL A 183 6.27 14.09 -4.47
CA VAL A 183 7.67 14.25 -4.01
C VAL A 183 8.13 15.70 -4.26
N ASP A 184 7.85 16.23 -5.45
CA ASP A 184 8.30 17.61 -5.79
C ASP A 184 7.67 18.66 -4.88
N TRP A 185 6.36 18.52 -4.61
CA TRP A 185 5.67 19.45 -3.71
C TRP A 185 6.28 19.42 -2.33
N LEU A 186 6.53 18.22 -1.79
CA LEU A 186 7.13 18.09 -0.46
C LEU A 186 8.55 18.66 -0.46
N LYS A 187 9.29 18.40 -1.53
CA LYS A 187 10.64 18.96 -1.64
C LYS A 187 10.71 20.47 -1.62
N GLY A 188 9.71 21.12 -2.19
CA GLY A 188 9.70 22.58 -2.21
C GLY A 188 8.97 23.22 -1.05
N ASN A 189 8.67 22.45 -0.02
CA ASN A 189 8.09 23.02 1.16
C ASN A 189 8.95 24.14 1.76
N THR A 190 8.30 25.21 2.19
CA THR A 190 8.98 26.37 2.75
C THR A 190 8.88 26.48 4.28
N THR A 191 8.07 25.65 4.94
CA THR A 191 7.71 25.87 6.34
C THR A 191 8.49 25.01 7.33
N GLY A 192 9.42 24.21 6.83
CA GLY A 192 10.00 23.13 7.58
C GLY A 192 11.50 23.22 7.86
N ASN A 193 12.09 24.39 7.65
CA ASN A 193 13.55 24.50 7.64
C ASN A 193 14.13 24.29 9.01
N HIS A 194 13.31 24.49 10.05
CA HIS A 194 13.76 24.33 11.43
C HIS A 194 13.36 23.03 12.08
N ARG A 195 12.89 22.08 11.28
CA ARG A 195 12.33 20.88 11.81
C ARG A 195 13.16 19.75 11.26
N ILE A 196 12.59 18.77 10.58
CA ILE A 196 13.41 17.62 10.23
C ILE A 196 14.57 18.05 9.33
N ARG A 197 14.32 18.98 8.42
CA ARG A 197 15.41 19.49 7.53
C ARG A 197 16.66 19.95 8.28
N ALA A 198 16.48 20.51 9.48
CA ALA A 198 17.60 21.01 10.31
C ALA A 198 18.47 19.88 10.87
N ALA A 199 17.90 18.66 10.95
CA ALA A 199 18.54 17.47 11.51
C ALA A 199 19.34 16.64 10.50
N VAL A 200 19.25 17.02 9.25
CA VAL A 200 19.75 16.21 8.15
C VAL A 200 20.99 16.84 7.51
N PRO A 201 22.03 16.05 7.22
CA PRO A 201 23.19 16.66 6.54
C PRO A 201 22.76 17.47 5.30
N ALA A 202 23.37 18.64 5.10
CA ALA A 202 23.01 19.55 4.02
C ALA A 202 22.97 18.95 2.63
N ASP A 203 23.77 17.92 2.40
CA ASP A 203 23.84 17.28 1.07
C ASP A 203 22.62 16.37 0.74
N TRP A 204 21.84 15.97 1.74
CA TRP A 204 20.73 15.04 1.53
C TRP A 204 19.49 15.78 1.07
N ALA A 205 18.82 15.24 0.07
CA ALA A 205 17.55 15.75 -0.41
C ALA A 205 16.47 15.45 0.65
N VAL A 206 15.61 16.42 0.87
CA VAL A 206 14.53 16.30 1.81
C VAL A 206 13.22 16.83 1.24
N GLY A 207 12.15 16.08 1.49
CA GLY A 207 10.81 16.54 1.31
C GLY A 207 10.02 16.41 2.60
N ASP A 208 9.26 17.43 2.97
CA ASP A 208 8.55 17.39 4.25
C ASP A 208 7.21 18.12 4.23
N LYS A 209 6.37 17.79 5.20
CA LYS A 209 5.19 18.58 5.53
C LYS A 209 5.08 18.82 7.05
N THR A 210 4.93 20.08 7.45
CA THR A 210 4.79 20.44 8.87
C THR A 210 3.35 20.55 9.34
N GLY A 211 3.17 20.62 10.63
CA GLY A 211 1.91 20.93 11.24
C GLY A 211 2.15 21.70 12.53
N THR A 212 1.28 22.68 12.78
CA THR A 212 1.40 23.45 14.03
C THR A 212 -0.02 23.79 14.49
N CYS A 213 -0.41 23.24 15.63
CA CYS A 213 -1.79 23.43 16.06
C CYS A 213 -1.93 24.81 16.71
N GLY A 214 -0.85 25.30 17.31
CA GLY A 214 -0.86 26.59 18.00
C GLY A 214 -1.37 26.58 19.43
N VAL A 215 -1.68 25.41 19.97
CA VAL A 215 -2.04 25.21 21.38
C VAL A 215 -1.48 23.86 21.84
N TYR A 216 -1.44 23.64 23.17
CA TYR A 216 -1.06 22.35 23.77
C TYR A 216 0.33 21.84 23.29
N GLY A 217 1.27 22.76 23.01
CA GLY A 217 2.61 22.48 22.50
C GLY A 217 2.61 21.45 21.38
N THR A 218 1.57 21.51 20.53
CA THR A 218 1.34 20.49 19.54
C THR A 218 1.80 20.90 18.15
N ALA A 219 2.85 20.26 17.68
CA ALA A 219 3.37 20.54 16.36
C ALA A 219 4.13 19.30 15.88
N ASN A 220 4.44 19.28 14.58
CA ASN A 220 4.95 18.08 13.96
C ASN A 220 5.59 18.33 12.60
N ASP A 221 6.23 17.28 12.11
CA ASP A 221 6.82 17.26 10.80
C ASP A 221 6.93 15.79 10.34
N TYR A 222 6.75 15.54 9.05
CA TYR A 222 7.10 14.24 8.50
C TYR A 222 7.89 14.45 7.22
N ALA A 223 8.77 13.51 6.90
CA ALA A 223 9.68 13.69 5.81
C ALA A 223 10.17 12.41 5.14
N VAL A 224 10.47 12.55 3.85
CA VAL A 224 11.33 11.64 3.18
C VAL A 224 12.69 12.29 2.94
N VAL A 225 13.73 11.51 3.24
CA VAL A 225 15.11 11.95 3.22
C VAL A 225 15.91 11.00 2.30
N TRP A 226 16.77 11.56 1.45
CA TRP A 226 17.56 10.78 0.51
C TRP A 226 19.04 10.94 0.83
N PRO A 227 19.58 10.05 1.68
CA PRO A 227 20.98 10.11 2.02
C PRO A 227 21.83 9.78 0.81
N THR A 228 22.96 10.77 0.33
CA THR A 228 23.67 10.63 -0.93
C THR A 228 24.04 9.19 -1.12
N GLY A 229 23.68 8.63 -2.29
CA GLY A 229 24.02 7.25 -2.65
C GLY A 229 23.41 6.13 -1.84
N ARG A 230 22.33 6.38 -1.10
CA ARG A 230 21.72 5.32 -0.27
C ARG A 230 20.21 5.35 -0.33
N ALA A 231 19.60 4.27 0.13
CA ALA A 231 18.14 4.17 0.21
C ALA A 231 17.56 5.31 1.03
N PRO A 232 16.36 5.77 0.63
CA PRO A 232 15.70 6.80 1.41
C PRO A 232 15.33 6.35 2.83
N ILE A 233 15.18 7.36 3.70
CA ILE A 233 14.70 7.20 5.04
C ILE A 233 13.41 8.00 5.12
N VAL A 234 12.40 7.44 5.78
CA VAL A 234 11.11 8.07 5.95
C VAL A 234 10.88 8.18 7.47
N LEU A 235 10.39 9.32 7.92
CA LEU A 235 10.21 9.52 9.37
C LEU A 235 9.15 10.57 9.72
N ALA A 236 8.69 10.50 10.95
CA ALA A 236 7.67 11.41 11.41
C ALA A 236 8.01 11.76 12.89
N VAL A 237 7.93 13.04 13.22
CA VAL A 237 8.13 13.55 14.61
C VAL A 237 6.92 14.37 15.00
N TYR A 238 6.21 13.96 16.06
CA TYR A 238 5.01 14.65 16.52
C TYR A 238 5.16 14.99 18.01
N THR A 239 4.64 16.14 18.42
CA THR A 239 4.68 16.58 19.82
C THR A 239 3.32 17.04 20.30
N ARG A 240 3.15 16.92 21.60
CA ARG A 240 2.05 17.53 22.30
C ARG A 240 2.47 17.75 23.76
N ALA A 241 1.67 18.52 24.49
CA ALA A 241 2.00 18.86 25.86
C ALA A 241 0.67 19.04 26.61
N PRO A 242 0.71 18.96 27.96
CA PRO A 242 -0.51 18.87 28.79
C PRO A 242 -1.35 20.16 28.92
N ASN A 243 -0.75 21.34 28.80
CA ASN A 243 -1.44 22.60 29.07
C ASN A 243 -1.67 23.38 27.76
N LYS A 244 -2.81 24.04 27.66
CA LYS A 244 -3.18 24.75 26.42
C LYS A 244 -2.12 25.74 25.97
N ASP A 245 -1.54 26.44 26.94
CA ASP A 245 -0.54 27.49 26.65
C ASP A 245 0.90 26.97 26.55
N ASP A 246 1.15 25.66 26.79
CA ASP A 246 2.49 25.14 26.56
C ASP A 246 2.93 25.47 25.12
N LYS A 247 4.17 25.94 24.97
CA LYS A 247 4.66 26.35 23.67
C LYS A 247 5.26 25.16 22.92
N HIS A 248 4.94 25.09 21.64
CA HIS A 248 5.58 24.10 20.82
C HIS A 248 7.00 24.52 20.63
N SER A 249 7.83 23.59 20.15
CA SER A 249 9.24 23.86 19.89
C SER A 249 9.69 23.20 18.58
N GLU A 250 10.21 24.00 17.68
CA GLU A 250 10.80 23.43 16.46
C GLU A 250 12.13 22.75 16.80
N ALA A 251 12.86 23.33 17.72
CA ALA A 251 14.17 22.77 18.11
C ALA A 251 14.04 21.32 18.62
N VAL A 252 12.97 21.07 19.38
CA VAL A 252 12.71 19.73 19.90
C VAL A 252 12.40 18.71 18.79
N ILE A 253 11.71 19.17 17.73
CA ILE A 253 11.38 18.31 16.58
C ILE A 253 12.68 17.95 15.86
N ALA A 254 13.54 18.94 15.65
CA ALA A 254 14.85 18.68 15.03
C ALA A 254 15.70 17.76 15.88
N ALA A 255 15.71 17.96 17.21
CA ALA A 255 16.56 17.14 18.05
C ALA A 255 16.05 15.69 18.07
N ALA A 256 14.73 15.54 18.06
CA ALA A 256 14.11 14.24 17.96
C ALA A 256 14.45 13.55 16.67
N ALA A 257 14.52 14.30 15.58
CA ALA A 257 14.86 13.70 14.30
C ALA A 257 16.31 13.24 14.28
N ARG A 258 17.22 14.04 14.86
CA ARG A 258 18.62 13.66 14.93
C ARG A 258 18.80 12.37 15.73
N LEU A 259 18.07 12.23 16.84
CA LEU A 259 18.13 11.00 17.63
C LEU A 259 17.64 9.80 16.83
N ALA A 260 16.53 9.97 16.12
CA ALA A 260 16.01 8.86 15.36
C ALA A 260 17.01 8.44 14.30
N LEU A 261 17.63 9.40 13.63
CA LEU A 261 18.59 9.07 12.60
C LEU A 261 19.80 8.35 13.18
N GLU A 262 20.31 8.87 14.29
CA GLU A 262 21.39 8.24 15.03
C GLU A 262 21.03 6.79 15.37
N GLY A 263 19.78 6.58 15.78
CA GLY A 263 19.29 5.27 16.16
C GLY A 263 19.26 4.23 15.05
N LEU A 264 19.26 4.72 13.81
CA LEU A 264 19.27 3.91 12.60
C LEU A 264 20.68 3.60 12.08
N GLY A 265 21.70 3.97 12.84
CA GLY A 265 23.06 3.72 12.41
C GLY A 265 23.36 2.22 12.27
N LEU B 1 -29.82 -10.43 -7.45
N LEU B 1 -30.13 -11.32 -8.65
CA LEU B 1 -28.63 -9.74 -8.04
CA LEU B 1 -29.12 -10.30 -8.23
C LEU B 1 -27.54 -10.75 -8.44
C LEU B 1 -27.71 -10.86 -8.47
N THR B 2 -27.28 -11.72 -7.55
CA THR B 2 -26.21 -12.70 -7.81
C THR B 2 -26.58 -13.65 -8.94
N ASN B 3 -27.88 -13.76 -9.24
CA ASN B 3 -28.36 -14.54 -10.38
C ASN B 3 -28.40 -13.81 -11.70
N LEU B 4 -28.34 -12.49 -11.63
CA LEU B 4 -28.38 -11.71 -12.88
C LEU B 4 -27.01 -11.54 -13.58
N VAL B 5 -25.92 -12.04 -12.98
CA VAL B 5 -24.59 -11.89 -13.60
C VAL B 5 -24.20 -13.06 -14.48
N ALA B 6 -24.92 -14.17 -14.37
CA ALA B 6 -24.57 -15.37 -15.16
C ALA B 6 -24.55 -15.18 -16.67
N GLU B 7 -25.61 -14.66 -17.28
CA GLU B 7 -25.60 -14.44 -18.72
C GLU B 7 -24.54 -13.43 -19.10
N PRO B 8 -24.40 -12.33 -18.32
CA PRO B 8 -23.30 -11.38 -18.63
C PRO B 8 -21.90 -12.02 -18.67
N PHE B 9 -21.63 -12.95 -17.74
CA PHE B 9 -20.40 -13.71 -17.74
C PHE B 9 -20.26 -14.53 -19.03
N ALA B 10 -21.33 -15.20 -19.41
CA ALA B 10 -21.33 -16.01 -20.61
C ALA B 10 -21.09 -15.14 -21.83
N LYS B 11 -21.72 -13.97 -21.86
CA LYS B 11 -21.45 -13.03 -22.98
C LYS B 11 -20.01 -12.55 -22.97
N LEU B 12 -19.51 -12.19 -21.79
CA LEU B 12 -18.15 -11.74 -21.68
C LEU B 12 -17.19 -12.79 -22.20
N GLU B 13 -17.37 -14.02 -21.75
CA GLU B 13 -16.43 -15.05 -22.16
C GLU B 13 -16.61 -15.40 -23.64
N GLN B 14 -17.84 -15.34 -24.16
CA GLN B 14 -18.06 -15.55 -25.63
C GLN B 14 -17.29 -14.53 -26.46
N ASP B 15 -17.42 -13.28 -26.06
CA ASP B 15 -16.79 -12.17 -26.76
C ASP B 15 -15.27 -12.22 -26.64
N PHE B 16 -14.79 -12.66 -25.49
CA PHE B 16 -13.36 -12.87 -25.30
C PHE B 16 -12.80 -14.01 -26.14
N GLY B 17 -13.62 -15.00 -26.43
CA GLY B 17 -13.16 -16.14 -27.16
C GLY B 17 -12.68 -17.29 -26.31
N GLY B 18 -13.07 -17.35 -25.03
CA GLY B 18 -12.62 -18.42 -24.20
C GLY B 18 -13.56 -18.73 -23.05
N SER B 19 -12.97 -19.01 -21.90
CA SER B 19 -13.67 -19.36 -20.70
C SER B 19 -13.22 -18.45 -19.57
N ILE B 20 -14.18 -18.04 -18.77
CA ILE B 20 -13.89 -17.21 -17.60
C ILE B 20 -14.43 -17.91 -16.36
N GLY B 21 -13.62 -17.98 -15.31
CA GLY B 21 -13.94 -18.61 -14.05
C GLY B 21 -13.88 -17.61 -12.90
N VAL B 22 -14.98 -17.48 -12.17
CA VAL B 22 -15.07 -16.50 -11.11
C VAL B 22 -15.65 -17.13 -9.83
N TYR B 23 -15.05 -16.78 -8.71
CA TYR B 23 -15.67 -16.97 -7.40
C TYR B 23 -15.39 -15.76 -6.54
N ALA B 24 -16.43 -15.23 -5.90
CA ALA B 24 -16.30 -14.11 -5.01
C ALA B 24 -17.22 -14.31 -3.82
N MET B 25 -16.71 -13.96 -2.65
CA MET B 25 -17.50 -14.01 -1.45
C MET B 25 -17.34 -12.77 -0.57
N ASP B 26 -18.48 -12.22 -0.17
CA ASP B 26 -18.50 -11.10 0.77
C ASP B 26 -18.50 -11.76 2.15
N THR B 27 -17.42 -11.61 2.89
CA THR B 27 -17.28 -12.25 4.23
C THR B 27 -18.19 -11.58 5.26
N GLY B 28 -18.80 -10.44 4.91
CA GLY B 28 -19.72 -9.72 5.79
C GLY B 28 -21.11 -10.30 5.72
N SER B 29 -21.68 -10.32 4.52
CA SER B 29 -23.03 -10.84 4.28
C SER B 29 -23.12 -12.32 3.93
N GLY B 30 -22.00 -12.95 3.54
CA GLY B 30 -21.99 -14.31 2.94
C GLY B 30 -22.49 -14.45 1.49
N ALA B 31 -22.90 -13.34 0.88
CA ALA B 31 -23.28 -13.38 -0.51
C ALA B 31 -22.09 -13.87 -1.33
N THR B 32 -22.39 -14.66 -2.35
N THR B 32 -22.41 -14.56 -2.42
CA THR B 32 -21.37 -15.17 -3.24
CA THR B 32 -21.42 -15.26 -3.22
C THR B 32 -21.77 -14.98 -4.67
C THR B 32 -21.77 -15.18 -4.69
N VAL B 33 -20.77 -14.90 -5.53
CA VAL B 33 -20.95 -14.98 -6.96
C VAL B 33 -20.08 -16.15 -7.48
N SER B 34 -20.77 -17.04 -8.39
CA SER B 34 -20.05 -18.22 -8.86
C SER B 34 -20.27 -18.37 -10.38
N TYR B 35 -19.19 -18.42 -11.16
CA TYR B 35 -19.32 -18.76 -12.60
C TYR B 35 -18.15 -19.65 -12.97
N ARG B 36 -18.37 -20.90 -13.38
CA ARG B 36 -17.28 -21.88 -13.55
C ARG B 36 -16.29 -21.95 -12.38
N ALA B 37 -16.83 -21.80 -11.17
CA ALA B 37 -16.06 -21.71 -9.95
C ALA B 37 -15.37 -23.01 -9.53
N GLU B 38 -15.83 -24.15 -10.02
CA GLU B 38 -15.24 -25.44 -9.67
C GLU B 38 -14.30 -25.94 -10.77
N GLU B 39 -14.35 -25.30 -11.94
CA GLU B 39 -13.55 -25.68 -13.09
C GLU B 39 -12.08 -25.35 -12.89
N ARG B 40 -11.22 -26.24 -13.32
CA ARG B 40 -9.77 -26.01 -13.26
C ARG B 40 -9.32 -25.05 -14.35
N PHE B 41 -8.50 -24.08 -13.93
CA PHE B 41 -7.81 -23.11 -14.77
C PHE B 41 -6.29 -23.11 -14.43
N PRO B 42 -5.43 -22.87 -15.43
CA PRO B 42 -4.02 -22.80 -15.09
C PRO B 42 -3.71 -21.66 -14.11
N LEU B 43 -2.82 -21.94 -13.17
CA LEU B 43 -2.41 -20.99 -12.12
C LEU B 43 -1.51 -19.85 -12.68
N CYS B 44 -0.60 -20.23 -13.58
CA CYS B 44 0.44 -19.36 -14.10
C CYS B 44 1.12 -18.78 -12.88
N SER B 45 1.51 -17.51 -12.89
CA SER B 45 2.24 -16.94 -11.75
C SER B 45 1.46 -16.79 -10.44
N SER B 46 0.15 -17.05 -10.47
CA SER B 46 -0.65 -16.78 -9.32
C SER B 46 -0.31 -17.76 -8.19
N PHE B 47 0.39 -18.85 -8.51
CA PHE B 47 0.88 -19.76 -7.50
C PHE B 47 1.90 -19.08 -6.54
N LYS B 48 2.56 -18.04 -7.05
CA LYS B 48 3.63 -17.38 -6.30
C LYS B 48 3.12 -16.76 -5.01
N GLY B 49 1.85 -16.36 -4.94
CA GLY B 49 1.33 -15.91 -3.63
C GLY B 49 1.27 -17.04 -2.61
N PHE B 50 0.73 -18.17 -3.04
CA PHE B 50 0.63 -19.34 -2.18
C PHE B 50 2.02 -19.87 -1.77
N LEU B 51 2.98 -19.79 -2.67
CA LEU B 51 4.40 -20.09 -2.39
C LEU B 51 4.94 -19.18 -1.27
N ALA B 52 4.73 -17.88 -1.39
CA ALA B 52 5.18 -16.97 -0.36
C ALA B 52 4.46 -17.29 0.98
N ALA B 53 3.19 -17.65 0.93
CA ALA B 53 2.50 -18.05 2.17
C ALA B 53 3.12 -19.30 2.80
N ALA B 54 3.45 -20.30 1.97
CA ALA B 54 4.10 -21.52 2.49
C ALA B 54 5.48 -21.22 3.10
N VAL B 55 6.24 -20.32 2.47
CA VAL B 55 7.52 -19.83 3.01
C VAL B 55 7.26 -19.19 4.40
N LEU B 56 6.24 -18.35 4.49
CA LEU B 56 5.88 -17.74 5.78
C LEU B 56 5.48 -18.77 6.84
N ALA B 57 4.69 -19.77 6.45
CA ALA B 57 4.31 -20.83 7.39
C ALA B 57 5.54 -21.56 7.86
N ARG B 58 6.44 -21.89 6.94
N ARG B 58 6.47 -21.89 6.96
CA ARG B 58 7.72 -22.53 7.30
CA ARG B 58 7.66 -22.57 7.41
C ARG B 58 8.47 -21.70 8.34
C ARG B 58 8.55 -21.71 8.31
N SER B 59 8.49 -20.38 8.16
CA SER B 59 9.25 -19.46 9.06
C SER B 59 8.75 -19.53 10.51
N GLN B 60 7.50 -19.91 10.72
CA GLN B 60 6.97 -20.08 12.06
C GLN B 60 7.72 -21.21 12.81
N GLN B 61 8.41 -22.09 12.08
CA GLN B 61 9.08 -23.24 12.67
C GLN B 61 10.60 -23.13 12.63
N GLN B 62 11.16 -22.64 11.53
CA GLN B 62 12.58 -22.32 11.48
C GLN B 62 12.78 -20.84 11.77
N ALA B 63 13.36 -20.50 12.92
CA ALA B 63 13.78 -19.12 13.14
C ALA B 63 14.86 -18.80 12.12
N GLY B 64 14.96 -17.54 11.72
CA GLY B 64 16.01 -17.14 10.78
C GLY B 64 15.88 -17.63 9.32
N LEU B 65 14.78 -18.31 9.00
CA LEU B 65 14.54 -18.71 7.61
C LEU B 65 14.47 -17.48 6.71
N LEU B 66 13.62 -16.52 7.07
CA LEU B 66 13.39 -15.31 6.26
C LEU B 66 14.66 -14.53 5.99
N ASP B 67 15.59 -14.53 6.95
CA ASP B 67 16.84 -13.81 6.79
C ASP B 67 17.96 -14.64 6.15
N THR B 68 17.72 -15.93 5.91
CA THR B 68 18.71 -16.78 5.27
C THR B 68 19.05 -16.23 3.88
N PRO B 69 20.35 -15.94 3.62
CA PRO B 69 20.80 -15.47 2.31
C PRO B 69 20.86 -16.61 1.31
N ILE B 70 20.58 -16.31 0.04
CA ILE B 70 20.60 -17.32 -1.01
C ILE B 70 21.47 -16.75 -2.08
N ARG B 71 22.58 -17.42 -2.39
CA ARG B 71 23.46 -16.99 -3.46
C ARG B 71 23.10 -17.84 -4.68
N TYR B 72 22.99 -17.20 -5.82
CA TYR B 72 22.59 -17.87 -7.04
C TYR B 72 23.40 -17.24 -8.10
N GLY B 73 23.60 -17.96 -9.20
CA GLY B 73 24.33 -17.47 -10.32
C GLY B 73 23.46 -17.25 -11.55
N LYS B 74 24.16 -16.99 -12.64
CA LYS B 74 23.61 -16.64 -13.92
C LYS B 74 22.57 -17.70 -14.33
N ASN B 75 22.89 -18.97 -14.08
CA ASN B 75 22.04 -20.07 -14.53
C ASN B 75 20.70 -20.21 -13.81
N ALA B 76 20.53 -19.51 -12.69
CA ALA B 76 19.25 -19.50 -11.99
C ALA B 76 18.26 -18.57 -12.70
N LEU B 77 18.79 -17.72 -13.57
CA LEU B 77 17.96 -16.71 -14.21
C LEU B 77 17.17 -17.32 -15.39
N VAL B 78 15.93 -16.88 -15.48
CA VAL B 78 15.03 -17.22 -16.57
C VAL B 78 14.35 -15.88 -16.95
N PRO B 79 13.67 -15.82 -18.11
CA PRO B 79 12.93 -14.59 -18.43
C PRO B 79 11.92 -14.21 -17.29
N TRP B 80 11.59 -12.93 -17.22
CA TRP B 80 10.68 -12.35 -16.21
C TRP B 80 11.08 -12.58 -14.78
N SER B 81 12.36 -12.24 -14.56
CA SER B 81 12.99 -12.22 -13.27
C SER B 81 13.61 -10.81 -13.06
N PRO B 82 12.75 -9.76 -13.05
CA PRO B 82 13.29 -8.36 -13.01
C PRO B 82 14.07 -7.95 -11.74
N ILE B 83 13.83 -8.62 -10.62
CA ILE B 83 14.47 -8.32 -9.37
C ILE B 83 15.68 -9.22 -9.15
N SER B 84 15.48 -10.54 -9.26
CA SER B 84 16.60 -11.51 -9.20
C SER B 84 17.78 -11.13 -10.08
N GLU B 85 17.48 -10.72 -11.30
CA GLU B 85 18.53 -10.43 -12.28
C GLU B 85 19.45 -9.26 -11.86
N LYS B 86 18.91 -8.33 -11.05
CA LYS B 86 19.65 -7.18 -10.53
C LYS B 86 20.61 -7.51 -9.37
N TYR B 87 20.40 -8.63 -8.66
CA TYR B 87 21.15 -8.92 -7.41
C TYR B 87 22.02 -10.16 -7.53
N LEU B 88 22.41 -10.42 -8.76
CA LEU B 88 23.20 -11.58 -9.08
C LEU B 88 24.49 -11.60 -8.25
N THR B 89 25.04 -10.41 -7.99
CA THR B 89 26.31 -10.29 -7.27
C THR B 89 26.19 -10.41 -5.75
N THR B 90 25.02 -10.08 -5.19
N THR B 90 25.02 -10.08 -5.20
CA THR B 90 24.84 -10.13 -3.75
CA THR B 90 24.82 -10.12 -3.75
C THR B 90 23.99 -11.30 -3.27
C THR B 90 23.99 -11.30 -3.27
N GLY B 91 23.12 -11.82 -4.13
CA GLY B 91 22.12 -12.79 -3.71
C GLY B 91 21.03 -12.05 -2.97
N MET B 92 20.06 -12.78 -2.44
CA MET B 92 18.89 -12.21 -1.81
C MET B 92 18.48 -13.14 -0.71
N THR B 93 17.86 -12.61 0.33
CA THR B 93 17.34 -13.42 1.37
C THR B 93 16.01 -14.06 0.93
N VAL B 94 15.64 -15.08 1.70
CA VAL B 94 14.39 -15.79 1.53
C VAL B 94 13.22 -14.82 1.51
N ALA B 95 13.26 -13.82 2.38
CA ALA B 95 12.19 -12.83 2.48
C ALA B 95 12.15 -11.91 1.27
N GLU B 96 13.32 -11.44 0.83
CA GLU B 96 13.41 -10.61 -0.37
C GLU B 96 12.98 -11.38 -1.62
N LEU B 97 13.27 -12.68 -1.66
CA LEU B 97 12.85 -13.49 -2.80
C LEU B 97 11.33 -13.61 -2.84
N SER B 98 10.75 -13.77 -1.66
CA SER B 98 9.32 -13.89 -1.50
C SER B 98 8.62 -12.64 -1.93
N ALA B 99 9.10 -11.50 -1.43
CA ALA B 99 8.53 -10.23 -1.83
C ALA B 99 8.67 -10.03 -3.35
N ALA B 100 9.79 -10.42 -3.93
CA ALA B 100 9.97 -10.30 -5.38
C ALA B 100 9.01 -11.21 -6.12
N ALA B 101 8.88 -12.43 -5.63
CA ALA B 101 7.90 -13.35 -6.23
C ALA B 101 6.46 -12.83 -6.17
N VAL B 102 6.03 -12.26 -5.03
CA VAL B 102 4.68 -11.73 -4.91
C VAL B 102 4.52 -10.41 -5.68
N GLN B 103 5.41 -9.46 -5.47
CA GLN B 103 5.10 -8.08 -5.85
C GLN B 103 5.52 -7.74 -7.28
N TYR B 104 6.47 -8.50 -7.81
CA TYR B 104 6.91 -8.34 -9.18
C TYR B 104 6.75 -9.64 -9.98
N SER B 105 6.17 -10.67 -9.39
CA SER B 105 6.00 -11.92 -10.13
C SER B 105 7.30 -12.54 -10.65
N ASP B 106 8.40 -12.43 -9.87
CA ASP B 106 9.72 -12.80 -10.33
C ASP B 106 9.87 -14.32 -10.41
N ASN B 107 10.18 -14.78 -11.63
CA ASN B 107 10.29 -16.20 -11.95
C ASN B 107 11.45 -16.89 -11.24
N ALA B 108 12.65 -16.35 -11.33
CA ALA B 108 13.80 -17.01 -10.75
C ALA B 108 13.67 -17.04 -9.25
N ALA B 109 13.17 -15.96 -8.65
CA ALA B 109 12.96 -15.97 -7.20
C ALA B 109 11.98 -17.07 -6.76
N ALA B 110 10.87 -17.24 -7.49
CA ALA B 110 9.93 -18.31 -7.20
C ALA B 110 10.60 -19.68 -7.28
N ASN B 111 11.39 -19.93 -8.33
CA ASN B 111 12.04 -21.24 -8.48
C ASN B 111 13.01 -21.50 -7.32
N LEU B 112 13.74 -20.45 -6.92
CA LEU B 112 14.67 -20.55 -5.79
C LEU B 112 13.93 -20.95 -4.54
N LEU B 113 12.80 -20.30 -4.29
CA LEU B 113 11.98 -20.64 -3.14
C LEU B 113 11.43 -22.07 -3.25
N LEU B 114 10.96 -22.47 -4.43
CA LEU B 114 10.56 -23.89 -4.62
C LEU B 114 11.66 -24.89 -4.19
N LYS B 115 12.89 -24.67 -4.64
CA LYS B 115 14.05 -25.50 -4.25
C LYS B 115 14.32 -25.48 -2.73
N GLU B 116 13.91 -24.40 -2.05
CA GLU B 116 13.93 -24.33 -0.57
C GLU B 116 12.80 -25.10 0.12
N LEU B 117 11.62 -25.14 -0.49
CA LEU B 117 10.41 -25.69 0.10
C LEU B 117 10.04 -27.12 -0.35
N GLY B 118 10.89 -27.80 -1.10
CA GLY B 118 10.53 -29.15 -1.55
C GLY B 118 9.77 -29.21 -2.87
N GLY B 119 9.90 -28.15 -3.67
CA GLY B 119 9.44 -28.18 -5.04
C GLY B 119 7.94 -28.05 -5.17
N PRO B 120 7.44 -28.25 -6.40
CA PRO B 120 6.01 -28.18 -6.65
C PRO B 120 5.19 -29.09 -5.75
N ALA B 121 5.67 -30.32 -5.49
CA ALA B 121 4.98 -31.25 -4.59
C ALA B 121 4.95 -30.74 -3.15
N GLY B 122 6.00 -30.06 -2.71
CA GLY B 122 6.07 -29.43 -1.39
C GLY B 122 5.04 -28.30 -1.21
N LEU B 123 4.93 -27.44 -2.19
CA LEU B 123 3.88 -26.42 -2.16
C LEU B 123 2.49 -27.06 -2.20
N THR B 124 2.32 -28.10 -3.01
CA THR B 124 1.03 -28.78 -3.10
C THR B 124 0.62 -29.33 -1.71
N ALA B 125 1.60 -29.95 -1.05
CA ALA B 125 1.45 -30.51 0.26
C ALA B 125 1.08 -29.44 1.28
N PHE B 126 1.70 -28.26 1.19
CA PHE B 126 1.27 -27.15 2.04
C PHE B 126 -0.21 -26.79 1.88
N MET B 127 -0.69 -26.75 0.63
CA MET B 127 -2.08 -26.35 0.35
C MET B 127 -3.02 -27.44 0.86
N ARG B 128 -2.65 -28.69 0.64
CA ARG B 128 -3.41 -29.81 1.22
C ARG B 128 -3.52 -29.65 2.76
N SER B 129 -2.45 -29.18 3.40
CA SER B 129 -2.38 -28.99 4.84
C SER B 129 -3.30 -27.90 5.40
N ILE B 130 -3.68 -26.92 4.56
CA ILE B 130 -4.70 -25.93 4.94
C ILE B 130 -6.09 -26.29 4.49
N GLY B 131 -6.23 -27.50 3.95
CA GLY B 131 -7.55 -28.01 3.56
C GLY B 131 -7.90 -27.78 2.09
N ASP B 132 -6.95 -27.39 1.24
CA ASP B 132 -7.24 -27.20 -0.20
C ASP B 132 -6.92 -28.48 -0.95
N THR B 133 -7.93 -29.17 -1.45
CA THR B 133 -7.75 -30.46 -2.10
C THR B 133 -7.69 -30.36 -3.63
N THR B 134 -7.78 -29.13 -4.13
CA THR B 134 -7.87 -28.88 -5.56
C THR B 134 -6.55 -28.42 -6.15
N PHE B 135 -5.88 -27.49 -5.47
CA PHE B 135 -4.60 -26.98 -5.96
C PHE B 135 -3.61 -28.10 -6.30
N ARG B 136 -2.90 -27.96 -7.43
CA ARG B 136 -1.72 -28.75 -7.67
C ARG B 136 -0.71 -27.92 -8.45
N LEU B 137 0.54 -27.92 -7.99
CA LEU B 137 1.68 -27.48 -8.77
C LEU B 137 2.51 -28.70 -9.10
N ASP B 138 2.90 -28.79 -10.35
CA ASP B 138 3.57 -29.92 -10.89
C ASP B 138 4.92 -29.57 -11.47
N ARG B 139 5.02 -28.40 -12.10
CA ARG B 139 6.25 -27.99 -12.82
C ARG B 139 6.83 -26.65 -12.32
N TRP B 140 7.93 -26.22 -12.92
CA TRP B 140 8.68 -25.07 -12.48
C TRP B 140 8.46 -23.93 -13.44
N GLU B 141 8.91 -22.72 -13.10
CA GLU B 141 8.84 -21.62 -14.04
C GLU B 141 9.97 -21.89 -15.06
N LEU B 142 9.68 -21.87 -16.37
CA LEU B 142 8.44 -21.37 -17.00
C LEU B 142 7.53 -22.45 -17.62
N GLU B 143 7.90 -23.73 -17.49
CA GLU B 143 7.13 -24.82 -18.09
C GLU B 143 5.73 -24.97 -17.56
N LEU B 144 5.50 -24.51 -16.33
CA LEU B 144 4.19 -24.62 -15.70
C LEU B 144 3.15 -23.75 -16.38
N ASN B 145 3.58 -22.89 -17.31
CA ASN B 145 2.66 -21.99 -17.98
C ASN B 145 1.99 -22.56 -19.22
N SER B 146 2.18 -23.87 -19.51
CA SER B 146 1.85 -24.41 -20.83
C SER B 146 0.36 -24.31 -21.14
N ALA B 147 -0.48 -24.43 -20.11
CA ALA B 147 -1.92 -24.12 -20.18
C ALA B 147 -2.71 -24.91 -21.23
N ILE B 148 -2.32 -26.16 -21.47
CA ILE B 148 -2.96 -27.00 -22.52
C ILE B 148 -4.39 -27.34 -22.10
N PRO B 149 -5.38 -27.17 -23.02
CA PRO B 149 -6.76 -27.52 -22.69
C PRO B 149 -6.82 -28.95 -22.16
N GLY B 150 -7.54 -29.12 -21.06
CA GLY B 150 -7.76 -30.46 -20.45
C GLY B 150 -6.66 -30.97 -19.53
N ASP B 151 -5.53 -30.28 -19.49
CA ASP B 151 -4.37 -30.65 -18.67
C ASP B 151 -4.57 -30.15 -17.23
N ALA B 152 -4.59 -31.07 -16.27
CA ALA B 152 -4.80 -30.73 -14.88
C ALA B 152 -3.51 -30.21 -14.19
N ARG B 153 -2.35 -30.35 -14.84
CA ARG B 153 -1.11 -29.94 -14.20
C ARG B 153 -1.12 -28.42 -13.96
N ASP B 154 -0.65 -28.02 -12.80
CA ASP B 154 -0.51 -26.60 -12.47
C ASP B 154 -1.81 -25.81 -12.58
N THR B 155 -2.88 -26.37 -12.02
CA THR B 155 -4.22 -25.76 -12.01
C THR B 155 -4.81 -25.69 -10.60
N SER B 156 -5.78 -24.81 -10.46
CA SER B 156 -6.75 -24.92 -9.40
C SER B 156 -8.08 -24.34 -9.91
N SER B 157 -9.04 -24.22 -9.02
CA SER B 157 -10.35 -23.71 -9.32
C SER B 157 -10.51 -22.35 -8.67
N PRO B 158 -11.36 -21.48 -9.27
CA PRO B 158 -11.56 -20.19 -8.62
C PRO B 158 -12.04 -20.28 -7.17
N ARG B 159 -12.95 -21.21 -6.89
CA ARG B 159 -13.40 -21.38 -5.50
C ARG B 159 -12.23 -21.73 -4.57
N ALA B 160 -11.39 -22.67 -4.96
CA ALA B 160 -10.34 -23.15 -4.09
C ALA B 160 -9.28 -22.07 -3.86
N VAL B 161 -9.05 -21.31 -4.91
CA VAL B 161 -8.12 -20.21 -4.79
C VAL B 161 -8.66 -19.23 -3.75
N THR B 162 -9.94 -18.87 -3.87
CA THR B 162 -10.55 -17.84 -3.00
C THR B 162 -10.55 -18.34 -1.58
N GLU B 163 -11.00 -19.58 -1.38
CA GLU B 163 -11.01 -20.20 -0.04
C GLU B 163 -9.64 -20.29 0.61
N SER B 164 -8.63 -20.69 -0.14
CA SER B 164 -7.28 -20.69 0.41
C SER B 164 -6.76 -19.26 0.71
N LEU B 165 -6.99 -18.33 -0.19
CA LEU B 165 -6.61 -16.95 0.06
C LEU B 165 -7.22 -16.45 1.37
N GLN B 166 -8.51 -16.73 1.54
CA GLN B 166 -9.23 -16.30 2.73
C GLN B 166 -8.61 -16.92 4.00
N LYS B 167 -8.34 -18.22 3.93
CA LYS B 167 -7.73 -18.87 5.07
C LYS B 167 -6.41 -18.24 5.45
N LEU B 168 -5.61 -17.88 4.46
CA LEU B 168 -4.26 -17.35 4.75
C LEU B 168 -4.22 -15.88 5.12
N THR B 169 -5.16 -15.09 4.60
CA THR B 169 -5.13 -13.65 4.82
C THR B 169 -6.05 -13.21 5.94
N LEU B 170 -7.17 -13.90 6.11
CA LEU B 170 -8.17 -13.50 7.09
C LEU B 170 -8.45 -14.55 8.15
N GLY B 171 -8.21 -15.82 7.87
CA GLY B 171 -8.41 -16.85 8.86
C GLY B 171 -7.16 -17.09 9.63
N SER B 172 -7.02 -18.32 10.11
CA SER B 172 -5.99 -18.64 11.07
C SER B 172 -4.97 -19.62 10.52
N ALA B 173 -4.89 -19.77 9.19
CA ALA B 173 -3.90 -20.68 8.59
C ALA B 173 -2.46 -20.22 8.83
N LEU B 174 -2.22 -18.92 8.89
CA LEU B 174 -0.94 -18.39 9.25
C LEU B 174 -1.03 -17.76 10.64
N ALA B 175 0.10 -17.73 11.34
CA ALA B 175 0.22 -17.00 12.61
C ALA B 175 0.17 -15.50 12.29
N ALA B 176 -0.37 -14.68 13.22
CA ALA B 176 -0.63 -13.24 12.93
C ALA B 176 0.50 -12.44 12.27
N PRO B 177 1.75 -12.55 12.76
CA PRO B 177 2.83 -11.75 12.11
C PRO B 177 3.07 -12.16 10.66
N GLN B 178 3.09 -13.46 10.41
CA GLN B 178 3.24 -14.00 9.06
C GLN B 178 2.05 -13.66 8.15
N ARG B 179 0.85 -13.75 8.72
CA ARG B 179 -0.39 -13.34 8.03
C ARG B 179 -0.32 -11.88 7.61
N GLN B 180 0.23 -11.02 8.45
CA GLN B 180 0.32 -9.59 8.14
C GLN B 180 1.32 -9.37 7.03
N GLN B 181 2.41 -10.13 7.04
CA GLN B 181 3.43 -9.97 6.02
C GLN B 181 2.82 -10.39 4.69
N PHE B 182 2.08 -11.49 4.67
CA PHE B 182 1.40 -11.97 3.44
C PHE B 182 0.45 -10.90 2.87
N VAL B 183 -0.40 -10.39 3.75
CA VAL B 183 -1.30 -9.31 3.42
C VAL B 183 -0.58 -8.06 2.90
N ASP B 184 0.51 -7.65 3.56
CA ASP B 184 1.24 -6.45 3.12
C ASP B 184 1.87 -6.72 1.77
N TRP B 185 2.41 -7.91 1.55
CA TRP B 185 2.97 -8.20 0.23
C TRP B 185 1.92 -8.10 -0.86
N LEU B 186 0.77 -8.73 -0.62
CA LEU B 186 -0.34 -8.64 -1.57
C LEU B 186 -0.75 -7.19 -1.80
N LYS B 187 -0.81 -6.40 -0.71
CA LYS B 187 -1.23 -4.98 -0.81
C LYS B 187 -0.30 -4.15 -1.63
N GLY B 188 0.99 -4.44 -1.53
CA GLY B 188 2.02 -3.76 -2.29
C GLY B 188 2.33 -4.37 -3.64
N ASN B 189 1.49 -5.28 -4.14
CA ASN B 189 1.74 -5.83 -5.46
C ASN B 189 1.82 -4.75 -6.55
N THR B 190 2.76 -4.87 -7.48
CA THR B 190 2.89 -3.88 -8.58
C THR B 190 2.31 -4.28 -9.91
N THR B 191 1.91 -5.55 -10.07
CA THR B 191 1.57 -6.09 -11.37
C THR B 191 0.08 -6.15 -11.67
N GLY B 192 -0.77 -5.77 -10.70
CA GLY B 192 -2.18 -5.97 -10.82
C GLY B 192 -3.04 -4.76 -11.05
N ASN B 193 -2.47 -3.64 -11.45
CA ASN B 193 -3.31 -2.44 -11.57
C ASN B 193 -4.36 -2.47 -12.68
N HIS B 194 -4.26 -3.36 -13.65
CA HIS B 194 -5.20 -3.36 -14.79
C HIS B 194 -6.27 -4.47 -14.64
N ARG B 195 -6.23 -5.18 -13.53
CA ARG B 195 -7.12 -6.36 -13.33
C ARG B 195 -8.13 -6.13 -12.20
N ILE B 196 -8.12 -6.89 -11.10
CA ILE B 196 -9.14 -6.66 -10.06
C ILE B 196 -9.19 -5.20 -9.59
N ARG B 197 -8.03 -4.63 -9.35
CA ARG B 197 -7.94 -3.26 -8.85
C ARG B 197 -8.63 -2.27 -9.80
N ALA B 198 -8.63 -2.54 -11.10
CA ALA B 198 -9.32 -1.67 -12.03
C ALA B 198 -10.82 -1.65 -11.85
N ALA B 199 -11.39 -2.68 -11.24
CA ALA B 199 -12.83 -2.81 -11.11
C ALA B 199 -13.32 -2.28 -9.79
N VAL B 200 -12.41 -2.03 -8.84
CA VAL B 200 -12.78 -1.77 -7.47
C VAL B 200 -12.98 -0.26 -7.24
N PRO B 201 -13.92 0.13 -6.36
CA PRO B 201 -14.02 1.55 -6.09
C PRO B 201 -12.72 2.13 -5.51
N ALA B 202 -12.41 3.35 -5.95
CA ALA B 202 -11.19 4.05 -5.63
C ALA B 202 -10.84 4.02 -4.14
N ASP B 203 -11.86 4.08 -3.30
CA ASP B 203 -11.66 4.14 -1.85
C ASP B 203 -11.31 2.84 -1.18
N TRP B 204 -11.44 1.71 -1.88
CA TRP B 204 -11.27 0.41 -1.20
C TRP B 204 -9.86 -0.08 -1.33
N ALA B 205 -9.31 -0.58 -0.22
CA ALA B 205 -7.97 -1.15 -0.24
C ALA B 205 -8.00 -2.51 -0.93
N VAL B 206 -6.87 -2.88 -1.57
CA VAL B 206 -6.77 -4.13 -2.34
C VAL B 206 -5.40 -4.76 -2.15
N GLY B 207 -5.37 -6.09 -1.99
CA GLY B 207 -4.19 -6.89 -2.15
C GLY B 207 -4.48 -7.93 -3.21
N ASP B 208 -3.55 -8.18 -4.10
CA ASP B 208 -3.81 -9.14 -5.17
C ASP B 208 -2.54 -9.84 -5.60
N LYS B 209 -2.73 -10.93 -6.34
CA LYS B 209 -1.66 -11.62 -6.98
C LYS B 209 -2.13 -12.03 -8.36
N THR B 210 -1.34 -11.67 -9.37
CA THR B 210 -1.66 -11.95 -10.75
C THR B 210 -1.00 -13.19 -11.30
N GLY B 211 -1.52 -13.65 -12.44
CA GLY B 211 -0.88 -14.67 -13.27
C GLY B 211 -1.12 -14.47 -14.74
N THR B 212 -0.12 -14.79 -15.56
CA THR B 212 -0.16 -14.71 -17.00
C THR B 212 0.71 -15.82 -17.60
N CYS B 213 0.08 -16.72 -18.35
CA CYS B 213 0.76 -17.88 -18.93
C CYS B 213 1.46 -17.55 -20.25
N GLY B 214 0.96 -16.55 -20.99
CA GLY B 214 1.55 -16.16 -22.28
C GLY B 214 1.06 -16.99 -23.45
N VAL B 215 0.15 -17.93 -23.17
CA VAL B 215 -0.44 -18.78 -24.17
C VAL B 215 -1.90 -19.06 -23.82
N TYR B 216 -2.65 -19.58 -24.80
CA TYR B 216 -4.03 -20.03 -24.61
C TYR B 216 -4.92 -19.02 -23.87
N GLY B 217 -4.66 -17.74 -24.15
CA GLY B 217 -5.42 -16.64 -23.58
C GLY B 217 -5.55 -16.76 -22.07
N THR B 218 -4.54 -17.31 -21.43
CA THR B 218 -4.67 -17.72 -20.03
C THR B 218 -4.01 -16.73 -19.10
N ALA B 219 -4.82 -16.10 -18.24
CA ALA B 219 -4.35 -15.13 -17.31
C ALA B 219 -5.35 -15.00 -16.18
N ASN B 220 -4.93 -14.39 -15.07
CA ASN B 220 -5.75 -14.39 -13.86
C ASN B 220 -5.37 -13.36 -12.83
N ASP B 221 -6.17 -13.28 -11.76
CA ASP B 221 -5.90 -12.43 -10.61
C ASP B 221 -6.76 -12.92 -9.46
N TYR B 222 -6.19 -12.87 -8.26
CA TYR B 222 -7.01 -12.99 -7.07
C TYR B 222 -6.70 -11.92 -6.06
N ALA B 223 -7.68 -11.65 -5.19
CA ALA B 223 -7.62 -10.47 -4.35
C ALA B 223 -8.48 -10.56 -3.08
N VAL B 224 -8.01 -9.84 -2.07
CA VAL B 224 -8.78 -9.46 -0.92
C VAL B 224 -9.08 -7.95 -1.10
N VAL B 225 -10.30 -7.57 -0.86
CA VAL B 225 -10.79 -6.23 -1.10
C VAL B 225 -11.48 -5.77 0.19
N TRP B 226 -11.12 -4.60 0.73
CA TRP B 226 -11.71 -4.08 1.95
C TRP B 226 -12.59 -2.89 1.60
N PRO B 227 -13.92 -3.11 1.48
CA PRO B 227 -14.77 -1.99 1.20
C PRO B 227 -14.82 -1.06 2.39
N THR B 228 -14.80 0.39 2.37
CA THR B 228 -15.10 1.42 3.34
C THR B 228 -16.10 0.92 4.35
N GLY B 229 -15.62 0.70 5.56
CA GLY B 229 -16.45 0.36 6.70
C GLY B 229 -17.12 -1.00 6.76
N ARG B 230 -16.87 -1.86 5.78
CA ARG B 230 -17.47 -3.20 5.71
C ARG B 230 -16.43 -4.30 5.84
N ALA B 231 -16.90 -5.54 5.97
CA ALA B 231 -16.01 -6.69 6.04
C ALA B 231 -15.41 -6.94 4.66
N PRO B 232 -14.24 -7.63 4.61
CA PRO B 232 -13.58 -7.85 3.31
C PRO B 232 -14.37 -8.77 2.33
N ILE B 233 -14.09 -8.55 1.05
CA ILE B 233 -14.49 -9.44 -0.03
C ILE B 233 -13.25 -10.20 -0.52
N VAL B 234 -13.40 -11.50 -0.84
CA VAL B 234 -12.32 -12.29 -1.41
C VAL B 234 -12.83 -12.80 -2.76
N LEU B 235 -12.01 -12.66 -3.79
CA LEU B 235 -12.36 -13.09 -5.14
C LEU B 235 -11.18 -13.57 -5.95
N ALA B 236 -11.51 -14.39 -6.95
CA ALA B 236 -10.59 -14.97 -7.91
C ALA B 236 -11.23 -14.92 -9.29
N VAL B 237 -10.43 -14.51 -10.29
CA VAL B 237 -10.88 -14.41 -11.65
C VAL B 237 -9.78 -15.00 -12.55
N TYR B 238 -10.17 -16.03 -13.30
CA TYR B 238 -9.27 -16.86 -14.10
C TYR B 238 -9.81 -16.93 -15.53
N THR B 239 -8.92 -16.90 -16.51
CA THR B 239 -9.26 -17.13 -17.92
C THR B 239 -8.40 -18.17 -18.62
N ARG B 240 -8.98 -18.73 -19.66
CA ARG B 240 -8.29 -19.57 -20.62
C ARG B 240 -9.03 -19.49 -21.97
N ALA B 241 -8.44 -20.02 -23.02
CA ALA B 241 -8.99 -19.99 -24.36
C ALA B 241 -8.48 -21.21 -25.09
N PRO B 242 -9.15 -21.61 -26.20
CA PRO B 242 -8.88 -22.93 -26.77
C PRO B 242 -7.61 -23.04 -27.63
N ASN B 243 -7.12 -21.92 -28.17
CA ASN B 243 -6.01 -21.92 -29.13
C ASN B 243 -4.78 -21.29 -28.52
N LYS B 244 -3.65 -21.89 -28.86
CA LYS B 244 -2.39 -21.52 -28.25
C LYS B 244 -2.06 -20.01 -28.43
N ASP B 245 -2.38 -19.47 -29.60
N ASP B 245 -2.35 -19.47 -29.61
CA ASP B 245 -2.11 -18.07 -29.93
CA ASP B 245 -2.10 -18.07 -29.92
C ASP B 245 -3.21 -17.10 -29.48
C ASP B 245 -3.20 -17.09 -29.47
N ASP B 246 -4.28 -17.58 -28.85
CA ASP B 246 -5.33 -16.67 -28.33
C ASP B 246 -4.71 -15.72 -27.26
N LYS B 247 -4.99 -14.42 -27.39
CA LYS B 247 -4.45 -13.40 -26.50
C LYS B 247 -5.27 -13.31 -25.23
N HIS B 248 -4.55 -13.24 -24.11
CA HIS B 248 -5.17 -12.90 -22.83
C HIS B 248 -5.63 -11.44 -22.84
N SER B 249 -6.46 -11.11 -21.86
CA SER B 249 -6.99 -9.75 -21.76
C SER B 249 -7.10 -9.32 -20.33
N GLU B 250 -6.37 -8.28 -20.01
CA GLU B 250 -6.48 -7.70 -18.70
C GLU B 250 -7.82 -7.05 -18.53
N ALA B 251 -8.34 -6.43 -19.61
CA ALA B 251 -9.67 -5.81 -19.58
C ALA B 251 -10.80 -6.80 -19.27
N VAL B 252 -10.71 -8.00 -19.82
CA VAL B 252 -11.72 -9.03 -19.56
C VAL B 252 -11.71 -9.46 -18.09
N ILE B 253 -10.51 -9.52 -17.48
CA ILE B 253 -10.37 -9.86 -16.06
C ILE B 253 -10.98 -8.76 -15.20
N ALA B 254 -10.65 -7.51 -15.52
CA ALA B 254 -11.27 -6.38 -14.82
C ALA B 254 -12.81 -6.39 -14.94
N ALA B 255 -13.31 -6.62 -16.14
CA ALA B 255 -14.77 -6.63 -16.36
C ALA B 255 -15.50 -7.78 -15.62
N ALA B 256 -14.83 -8.93 -15.54
CA ALA B 256 -15.35 -10.07 -14.76
C ALA B 256 -15.35 -9.77 -13.27
N ALA B 257 -14.28 -9.14 -12.80
CA ALA B 257 -14.20 -8.74 -11.40
C ALA B 257 -15.34 -7.74 -11.08
N ARG B 258 -15.58 -6.82 -12.00
CA ARG B 258 -16.64 -5.82 -11.84
C ARG B 258 -18.01 -6.48 -11.76
N LEU B 259 -18.24 -7.50 -12.60
CA LEU B 259 -19.48 -8.26 -12.49
C LEU B 259 -19.64 -8.93 -11.14
N ALA B 260 -18.58 -9.56 -10.68
CA ALA B 260 -18.62 -10.21 -9.39
C ALA B 260 -18.94 -9.20 -8.29
N LEU B 261 -18.26 -8.05 -8.29
CA LEU B 261 -18.50 -7.04 -7.28
C LEU B 261 -19.95 -6.56 -7.33
N GLU B 262 -20.42 -6.27 -8.52
CA GLU B 262 -21.79 -5.80 -8.70
C GLU B 262 -22.77 -6.92 -8.29
N GLY B 263 -22.36 -8.17 -8.51
CA GLY B 263 -23.16 -9.33 -8.16
C GLY B 263 -23.41 -9.52 -6.68
N LEU B 264 -22.45 -9.11 -5.86
CA LEU B 264 -22.56 -9.14 -4.39
C LEU B 264 -23.41 -7.93 -3.96
N GLY B 265 -23.80 -7.84 -2.69
CA GLY B 265 -23.65 -8.90 -1.69
C GLY B 265 -23.27 -8.39 -0.31
B1 ZXM C . -2.38 23.93 10.59
O1 ZXM C . -3.59 23.02 10.85
O2 ZXM C . -1.21 23.49 11.46
N4 ZXM C . -0.41 26.25 10.18
N4 ZXM C . -0.46 26.61 10.25
N5 ZXM C . 0.28 26.97 11.15
N5 ZXM C . 0.58 25.91 9.62
N6 ZXM C . 1.52 26.56 11.20
N6 ZXM C . 1.72 26.16 10.18
C7 ZXM C . -2.75 25.50 10.65
C8 ZXM C . -1.82 26.50 9.91
C8 ZXM C . -1.84 26.41 9.79
N10 ZXM C . -2.79 25.88 12.05
C11 ZXM C . -3.61 26.90 12.42
C12 ZXM C . -3.65 27.16 13.89
C13 ZXM C . -2.51 28.03 14.31
C14 ZXM C . -1.17 27.81 14.62
C15 ZXM C . -0.49 29.01 14.94
C16 ZXM C . -1.31 30.13 14.89
O18 ZXM C . -4.27 27.60 11.62
C19 ZXM C . 1.67 25.57 10.30
C19 ZXM C . 1.49 27.06 11.18
C20 ZXM C . 0.45 25.38 9.66
C20 ZXM C . 0.11 27.31 11.23
C21 ZXM C . 2.87 24.79 9.97
C21 ZXM C . 2.48 27.68 12.08
O22 ZXM C . 2.75 23.96 9.02
O22 ZXM C . 2.10 28.34 13.04
O23 ZXM C . 3.93 24.98 10.62
O23 ZXM C . 3.69 27.56 11.85
S24 ZXM C . -2.93 29.72 14.41
S SO4 D . 5.79 2.82 21.15
O1 SO4 D . 5.82 1.39 21.52
O2 SO4 D . 6.46 3.09 19.85
O3 SO4 D . 4.37 3.24 21.09
O4 SO4 D . 6.51 3.57 22.19
S SO4 E . 12.09 26.78 19.33
O1 SO4 E . 12.15 26.15 20.66
O2 SO4 E . 12.92 25.99 18.43
O3 SO4 E . 10.76 26.83 18.65
O4 SO4 E . 12.61 28.16 19.44
S SO4 F . 6.55 28.01 13.62
O1 SO4 F . 7.16 27.15 14.66
O2 SO4 F . 6.82 27.47 12.24
O3 SO4 F . 5.07 28.12 13.78
O4 SO4 F . 7.12 29.38 13.74
B1 ZXM G . 4.12 -16.27 -14.54
O1 ZXM G . 4.17 -17.76 -14.24
O2 ZXM G . 2.69 -15.82 -14.89
N4 ZXM G . 4.66 -13.50 -15.34
N5 ZXM G . 4.20 -12.84 -16.47
N6 ZXM G . 3.14 -12.14 -16.17
C7 ZXM G . 5.36 -15.85 -15.48
C8 ZXM G . 5.83 -14.37 -15.43
N10 ZXM G . 4.97 -16.16 -16.83
C11 ZXM G . 5.95 -16.42 -17.72
C12 ZXM G . 5.53 -16.74 -19.13
C13 ZXM G . 5.55 -15.41 -19.82
C14 ZXM G . 6.55 -14.66 -20.45
C15 ZXM G . 6.06 -13.42 -20.90
C16 ZXM G . 4.72 -13.21 -20.60
O18 ZXM G . 7.15 -16.38 -17.45
C19 ZXM G . 2.85 -12.35 -14.85
C20 ZXM G . 3.81 -13.21 -14.36
C21 ZXM G . 1.72 -11.86 -14.03
O22 ZXM G . 1.64 -12.27 -12.87
O23 ZXM G . 0.81 -11.19 -14.55
S24 ZXM G . 4.06 -14.58 -19.75
S SO4 H . 2.45 -11.82 -14.16
O1 SO4 H . 2.33 -13.30 -14.26
O2 SO4 H . 3.80 -11.47 -14.63
O3 SO4 H . 2.22 -11.32 -12.80
O4 SO4 H . 1.50 -11.16 -15.06
S SO4 I . -5.09 -5.97 -22.28
O1 SO4 I . -4.56 -7.29 -21.88
O2 SO4 I . -5.37 -6.18 -23.69
O3 SO4 I . -6.32 -5.55 -21.54
O4 SO4 I . -4.03 -4.90 -22.22
S SO4 J . -16.79 -24.86 -22.88
O1 SO4 J . -17.10 -25.74 -24.05
O2 SO4 J . -16.12 -25.66 -21.84
O3 SO4 J . -18.02 -24.21 -22.35
O4 SO4 J . -15.92 -23.77 -23.38
#